data_3HUL
#
_entry.id   3HUL
#
_cell.length_a   100.488
_cell.length_b   61.912
_cell.length_c   96.358
_cell.angle_alpha   90.000
_cell.angle_beta   90.000
_cell.angle_gamma   90.000
#
_symmetry.space_group_name_H-M   'P 21 21 2'
#
loop_
_entity.id
_entity.type
_entity.pdbx_description
1 polymer 'Homoserine kinase'
2 non-polymer 'SULFATE ION'
3 water water
#
_entity_poly.entity_id   1
_entity_poly.type   'polypeptide(L)'
_entity_poly.pdbx_seq_one_letter_code
;MSLRIRVPATTANLGPGFDSCGLALTLYLTLDIGAEADSWYIEHNIGGGIPHDETNVIIETALNLAPNLTPHHLVMTCDI
PPARGLGSSSAAVVAGIELANTLAELNLSKEEKVRIAAEIEGHPDNVAPAVLGNWVVGAKLDGEDFYVRHLFPDCALIAF
IPKAELLTSESRGVLPDTLPFKEAVQASSIANVMIAAILRNDMTLAGEMMERDLWHEKYRSQLVPHLAQIRDVAKNQGAY
AACLSGAGPTVLVFAPRNLANKLQTSLQTLEIDADVLLLDVEGSGAEVFREGHHHHHH
;
_entity_poly.pdbx_strand_id   A,B
#
loop_
_chem_comp.id
_chem_comp.type
_chem_comp.name
_chem_comp.formula
SO4 non-polymer 'SULFATE ION' 'O4 S -2'
#
# COMPACT_ATOMS: atom_id res chain seq x y z
N SER A 2 -33.45 8.76 23.25
CA SER A 2 -33.62 9.79 22.17
C SER A 2 -32.70 9.45 20.99
N LEU A 3 -32.92 10.09 19.84
CA LEU A 3 -32.04 9.88 18.70
C LEU A 3 -30.64 10.40 18.99
N ARG A 4 -29.65 9.53 18.77
CA ARG A 4 -28.26 9.83 19.05
C ARG A 4 -27.38 9.53 17.83
N ILE A 5 -26.33 10.32 17.68
CA ILE A 5 -25.38 10.14 16.60
C ILE A 5 -24.04 10.16 17.28
N ARG A 6 -23.22 9.14 17.04
CA ARG A 6 -21.87 9.04 17.59
C ARG A 6 -20.88 8.84 16.45
N VAL A 7 -19.76 9.58 16.49
CA VAL A 7 -18.74 9.53 15.44
C VAL A 7 -17.38 9.51 16.11
N PRO A 8 -16.49 8.57 15.69
CA PRO A 8 -15.20 8.47 16.31
C PRO A 8 -14.10 9.40 15.78
N ALA A 9 -13.11 9.66 16.64
CA ALA A 9 -11.87 10.31 16.28
C ALA A 9 -11.11 9.42 15.31
N THR A 10 -10.20 10.03 14.55
CA THR A 10 -9.40 9.33 13.55
C THR A 10 -8.03 9.97 13.47
N THR A 11 -7.02 9.16 13.18
CA THR A 11 -5.69 9.67 12.91
C THR A 11 -5.35 9.33 11.49
N ALA A 12 -5.02 10.36 10.73
CA ALA A 12 -4.83 10.23 9.30
C ALA A 12 -3.35 10.39 8.95
N ASN A 13 -3.01 10.17 7.69
CA ASN A 13 -1.66 10.40 7.21
C ASN A 13 -0.71 9.44 7.94
N LEU A 14 -1.19 8.21 8.10
CA LEU A 14 -0.43 7.14 8.74
C LEU A 14 0.81 6.83 7.93
N GLY A 15 1.98 7.11 8.51
CA GLY A 15 3.24 7.00 7.80
C GLY A 15 3.27 7.85 6.52
N PRO A 16 3.86 7.29 5.44
CA PRO A 16 3.81 8.00 4.20
C PRO A 16 2.49 7.75 3.47
N GLY A 17 1.48 7.22 4.16
CA GLY A 17 0.11 7.13 3.58
C GLY A 17 -0.62 8.47 3.51
N PHE A 18 0.08 9.48 2.97
CA PHE A 18 -0.45 10.84 2.89
C PHE A 18 -1.76 10.93 2.13
N ASP A 19 -2.76 11.55 2.75
CA ASP A 19 -4.10 11.62 2.17
C ASP A 19 -4.66 10.23 1.77
N SER A 20 -4.22 9.19 2.46
CA SER A 20 -4.58 7.84 2.07
C SER A 20 -4.98 6.93 3.23
N CYS A 21 -4.09 6.78 4.21
CA CYS A 21 -4.32 5.84 5.29
C CYS A 21 -4.76 6.55 6.58
N GLY A 22 -5.75 5.97 7.24
CA GLY A 22 -6.24 6.51 8.48
C GLY A 22 -6.96 5.46 9.29
N LEU A 23 -7.20 5.79 10.55
CA LEU A 23 -7.54 4.80 11.56
C LEU A 23 -8.46 5.45 12.58
N ALA A 24 -9.60 4.81 12.84
CA ALA A 24 -10.57 5.31 13.81
C ALA A 24 -10.12 4.96 15.21
N LEU A 25 -10.40 5.84 16.17
CA LEU A 25 -9.92 5.74 17.55
C LEU A 25 -11.06 5.90 18.57
N THR A 26 -10.84 5.41 19.79
CA THR A 26 -11.89 5.42 20.83
C THR A 26 -12.01 6.77 21.54
N LEU A 27 -12.25 7.85 20.78
CA LEU A 27 -12.71 9.11 21.33
C LEU A 27 -13.88 9.48 20.45
N TYR A 28 -14.86 10.18 21.02
CA TYR A 28 -16.16 10.34 20.34
C TYR A 28 -16.73 11.74 20.34
N LEU A 29 -17.40 12.05 19.24
CA LEU A 29 -18.29 13.16 19.12
C LEU A 29 -19.65 12.51 19.19
N THR A 30 -20.41 12.90 20.22
CA THR A 30 -21.76 12.40 20.44
C THR A 30 -22.83 13.52 20.36
N LEU A 31 -23.77 13.35 19.45
CA LEU A 31 -24.92 14.25 19.35
C LEU A 31 -26.18 13.60 19.87
N ASP A 32 -26.95 14.37 20.65
CA ASP A 32 -28.26 13.96 21.15
C ASP A 32 -29.30 14.92 20.56
N ILE A 33 -30.10 14.44 19.61
CA ILE A 33 -31.05 15.26 18.85
C ILE A 33 -32.41 15.48 19.55
N GLY A 34 -32.71 16.74 19.84
CA GLY A 34 -33.94 17.12 20.54
C GLY A 34 -35.08 17.61 19.64
N ALA A 35 -35.98 18.37 20.24
CA ALA A 35 -37.23 18.79 19.58
C ALA A 35 -37.00 19.74 18.41
N GLU A 36 -37.91 19.68 17.43
CA GLU A 36 -37.96 20.65 16.34
C GLU A 36 -38.13 22.04 16.96
N ALA A 37 -37.65 23.09 16.27
CA ALA A 37 -37.64 24.45 16.83
C ALA A 37 -37.56 25.58 15.80
N ASP A 38 -37.55 26.82 16.31
CA ASP A 38 -37.53 28.04 15.49
C ASP A 38 -36.20 28.21 14.75
N SER A 39 -35.15 27.70 15.39
CA SER A 39 -33.78 27.79 14.89
C SER A 39 -32.92 26.71 15.54
N TRP A 40 -31.71 26.53 15.01
CA TRP A 40 -30.78 25.53 15.49
C TRP A 40 -30.09 26.02 16.75
N TYR A 41 -30.01 25.17 17.75
CA TYR A 41 -29.10 25.41 18.87
C TYR A 41 -28.41 24.10 19.23
N ILE A 42 -27.12 24.18 19.53
CA ILE A 42 -26.38 23.05 20.09
C ILE A 42 -25.92 23.44 21.47
N GLU A 43 -26.35 22.69 22.48
CA GLU A 43 -25.81 22.86 23.81
C GLU A 43 -24.51 22.09 23.89
N HIS A 44 -23.48 22.74 24.43
CA HIS A 44 -22.18 22.12 24.63
C HIS A 44 -21.29 22.97 25.51
N ASN A 45 -20.28 22.34 26.09
CA ASN A 45 -19.24 23.05 26.83
C ASN A 45 -17.82 22.73 26.31
N ILE A 46 -17.66 22.68 24.98
CA ILE A 46 -16.36 22.31 24.37
C ILE A 46 -15.33 23.44 24.45
N GLY A 47 -15.81 24.68 24.57
CA GLY A 47 -14.92 25.83 24.68
C GLY A 47 -14.47 26.31 23.32
N GLY A 48 -13.44 27.16 23.30
CA GLY A 48 -12.92 27.70 22.05
C GLY A 48 -13.98 28.49 21.29
N GLY A 49 -13.75 28.64 19.99
CA GLY A 49 -14.72 29.35 19.18
C GLY A 49 -15.68 28.41 18.48
N ILE A 50 -16.12 27.36 19.17
CA ILE A 50 -17.08 26.39 18.62
C ILE A 50 -18.54 26.89 18.77
N PRO A 51 -19.14 27.38 17.68
CA PRO A 51 -20.44 28.05 17.74
C PRO A 51 -21.59 27.13 18.20
N HIS A 52 -22.69 27.73 18.65
CA HIS A 52 -23.83 27.00 19.16
C HIS A 52 -25.04 27.12 18.23
N ASP A 53 -24.82 27.67 17.03
CA ASP A 53 -25.91 27.95 16.14
C ASP A 53 -25.66 27.36 14.76
N GLU A 54 -26.45 27.80 13.78
CA GLU A 54 -26.36 27.30 12.42
C GLU A 54 -24.97 27.39 11.76
N THR A 55 -24.03 28.10 12.38
CA THR A 55 -22.68 28.27 11.81
C THR A 55 -21.73 27.16 12.27
N ASN A 56 -22.08 26.48 13.36
CA ASN A 56 -21.39 25.25 13.72
C ASN A 56 -21.27 24.34 12.50
N VAL A 57 -20.07 23.78 12.32
CA VAL A 57 -19.73 22.92 11.20
C VAL A 57 -20.79 21.81 10.94
N ILE A 58 -21.19 21.13 12.01
CA ILE A 58 -22.21 20.07 11.96
C ILE A 58 -23.47 20.54 11.25
N ILE A 59 -24.00 21.69 11.70
CA ILE A 59 -25.24 22.24 11.14
C ILE A 59 -25.08 22.75 9.70
N GLU A 60 -24.01 23.50 9.41
CA GLU A 60 -23.74 23.96 8.02
C GLU A 60 -23.61 22.77 7.09
N THR A 61 -22.94 21.71 7.57
CA THR A 61 -22.79 20.51 6.75
C THR A 61 -24.18 19.93 6.54
N ALA A 62 -24.93 19.77 7.61
CA ALA A 62 -26.28 19.22 7.49
C ALA A 62 -27.13 20.03 6.49
N LEU A 63 -27.16 21.36 6.66
CA LEU A 63 -27.96 22.23 5.74
C LEU A 63 -27.48 22.20 4.32
N ASN A 64 -26.20 21.87 4.12
CA ASN A 64 -25.66 21.77 2.77
C ASN A 64 -26.17 20.55 2.03
N LEU A 65 -26.50 19.49 2.77
CA LEU A 65 -27.10 18.28 2.15
C LEU A 65 -28.63 18.37 2.12
N ALA A 66 -29.19 19.04 3.14
CA ALA A 66 -30.64 19.16 3.28
C ALA A 66 -31.00 20.60 3.66
N PRO A 67 -31.09 21.50 2.66
CA PRO A 67 -31.28 22.93 2.93
C PRO A 67 -32.60 23.19 3.63
N ASN A 68 -33.60 22.38 3.27
CA ASN A 68 -34.97 22.57 3.69
C ASN A 68 -35.33 21.83 4.99
N LEU A 69 -34.32 21.29 5.67
CA LEU A 69 -34.47 20.74 7.03
C LEU A 69 -35.16 21.71 7.99
N THR A 70 -36.04 21.16 8.84
CA THR A 70 -36.58 21.87 10.00
C THR A 70 -35.49 21.85 11.06
N PRO A 71 -35.18 23.02 11.66
CA PRO A 71 -34.23 23.16 12.76
C PRO A 71 -34.56 22.30 13.97
N HIS A 72 -33.54 22.04 14.78
CA HIS A 72 -33.68 21.32 16.04
C HIS A 72 -32.76 21.91 17.09
N HIS A 73 -33.02 21.61 18.35
CA HIS A 73 -32.07 21.79 19.44
C HIS A 73 -31.33 20.46 19.58
N LEU A 74 -30.06 20.53 19.97
CA LEU A 74 -29.19 19.34 20.05
C LEU A 74 -28.29 19.48 21.25
N VAL A 75 -27.81 18.36 21.77
CA VAL A 75 -26.83 18.31 22.84
C VAL A 75 -25.61 17.55 22.33
N MET A 76 -24.42 18.12 22.58
CA MET A 76 -23.15 17.62 22.04
C MET A 76 -22.18 17.27 23.16
N THR A 77 -21.72 16.02 23.19
CA THR A 77 -20.58 15.60 24.00
C THR A 77 -19.45 15.31 23.02
N CYS A 78 -18.25 15.77 23.32
CA CYS A 78 -17.11 15.54 22.46
C CYS A 78 -15.84 15.57 23.25
N ASP A 79 -15.18 14.41 23.35
CA ASP A 79 -13.88 14.31 23.99
C ASP A 79 -12.73 14.16 22.99
N ILE A 80 -13.02 14.46 21.72
CA ILE A 80 -12.01 14.67 20.70
C ILE A 80 -11.62 16.16 20.74
N PRO A 81 -10.43 16.48 21.27
CA PRO A 81 -10.03 17.89 21.33
C PRO A 81 -9.93 18.50 19.93
N PRO A 82 -10.50 19.73 19.77
CA PRO A 82 -10.50 20.43 18.50
C PRO A 82 -9.09 20.77 18.07
N ALA A 83 -8.88 20.76 16.76
CA ALA A 83 -7.60 21.08 16.14
C ALA A 83 -6.40 20.41 16.83
N ARG A 84 -6.52 19.13 17.15
CA ARG A 84 -5.41 18.43 17.80
C ARG A 84 -4.81 17.26 16.99
N GLY A 85 -5.23 17.11 15.73
CA GLY A 85 -4.71 16.07 14.83
C GLY A 85 -5.42 14.72 14.98
N LEU A 86 -6.54 14.72 15.71
CA LEU A 86 -7.34 13.52 15.96
C LEU A 86 -8.70 13.52 15.27
N GLY A 87 -8.86 14.33 14.22
CA GLY A 87 -10.02 14.25 13.38
C GLY A 87 -11.28 14.77 14.03
N SER A 88 -11.13 15.85 14.80
CA SER A 88 -12.25 16.57 15.39
C SER A 88 -13.08 17.22 14.31
N SER A 89 -12.41 17.97 13.45
CA SER A 89 -13.07 18.59 12.33
C SER A 89 -13.82 17.56 11.49
N SER A 90 -13.16 16.44 11.22
CA SER A 90 -13.75 15.46 10.30
C SER A 90 -14.91 14.73 10.96
N ALA A 91 -14.84 14.54 12.27
CA ALA A 91 -15.96 13.92 13.00
C ALA A 91 -17.22 14.80 12.96
N ALA A 92 -17.03 16.14 13.00
CA ALA A 92 -18.14 17.08 12.95
C ALA A 92 -18.82 17.06 11.57
N VAL A 93 -18.01 17.01 10.52
CA VAL A 93 -18.53 16.91 9.16
C VAL A 93 -19.35 15.61 8.98
N VAL A 94 -18.76 14.49 9.37
CA VAL A 94 -19.49 13.21 9.35
C VAL A 94 -20.77 13.26 10.18
N ALA A 95 -20.72 13.87 11.35
CA ALA A 95 -21.91 14.02 12.20
C ALA A 95 -23.03 14.83 11.52
N GLY A 96 -22.66 15.89 10.78
CA GLY A 96 -23.61 16.68 10.04
C GLY A 96 -24.24 15.91 8.90
N ILE A 97 -23.43 15.09 8.24
CA ILE A 97 -23.94 14.21 7.22
C ILE A 97 -24.98 13.23 7.81
N GLU A 98 -24.69 12.68 8.98
CA GLU A 98 -25.59 11.70 9.62
C GLU A 98 -26.88 12.40 10.05
N LEU A 99 -26.74 13.62 10.57
CA LEU A 99 -27.91 14.44 10.92
C LEU A 99 -28.87 14.62 9.72
N ALA A 100 -28.33 15.09 8.60
CA ALA A 100 -29.14 15.37 7.44
C ALA A 100 -29.74 14.10 6.88
N ASN A 101 -28.90 13.06 6.82
CA ASN A 101 -29.31 11.79 6.30
C ASN A 101 -30.47 11.24 7.12
N THR A 102 -30.41 11.43 8.43
CA THR A 102 -31.51 10.91 9.24
C THR A 102 -32.74 11.85 9.20
N LEU A 103 -32.58 13.12 9.51
CA LEU A 103 -33.74 14.04 9.53
C LEU A 103 -34.41 14.31 8.19
N ALA A 104 -33.69 14.15 7.08
CA ALA A 104 -34.29 14.34 5.76
C ALA A 104 -34.49 13.02 5.05
N GLU A 105 -34.19 11.93 5.76
CA GLU A 105 -34.43 10.59 5.27
C GLU A 105 -33.81 10.37 3.90
N LEU A 106 -32.52 10.69 3.77
CA LEU A 106 -31.82 10.55 2.48
C LEU A 106 -31.42 9.11 2.19
N ASN A 107 -31.29 8.31 3.24
CA ASN A 107 -30.92 6.91 3.09
C ASN A 107 -29.64 6.76 2.22
N LEU A 108 -28.65 7.60 2.48
CA LEU A 108 -27.36 7.48 1.81
C LEU A 108 -26.65 6.22 2.23
N SER A 109 -25.97 5.57 1.30
CA SER A 109 -25.08 4.47 1.61
C SER A 109 -23.79 5.00 2.30
N LYS A 110 -23.13 4.10 3.03
CA LYS A 110 -21.82 4.37 3.61
C LYS A 110 -20.87 4.93 2.54
N GLU A 111 -20.89 4.30 1.37
CA GLU A 111 -20.08 4.74 0.24
C GLU A 111 -20.33 6.23 -0.09
N GLU A 112 -21.60 6.62 -0.14
CA GLU A 112 -21.98 8.00 -0.52
C GLU A 112 -21.57 8.97 0.57
N LYS A 113 -21.76 8.55 1.83
CA LYS A 113 -21.35 9.36 2.97
C LYS A 113 -19.86 9.67 2.96
N VAL A 114 -19.06 8.67 2.59
CA VAL A 114 -17.61 8.84 2.50
C VAL A 114 -17.34 9.79 1.37
N ARG A 115 -17.93 9.50 0.20
CA ARG A 115 -17.70 10.38 -0.95
C ARG A 115 -17.98 11.82 -0.58
N ILE A 116 -19.07 12.04 0.15
CA ILE A 116 -19.55 13.39 0.46
C ILE A 116 -18.64 14.08 1.46
N ALA A 117 -18.25 13.33 2.49
CA ALA A 117 -17.36 13.87 3.52
C ALA A 117 -15.98 14.20 2.96
N ALA A 118 -15.51 13.38 2.02
CA ALA A 118 -14.16 13.56 1.45
C ALA A 118 -14.13 14.79 0.52
N GLU A 119 -15.20 14.97 -0.25
CA GLU A 119 -15.39 16.17 -1.08
C GLU A 119 -15.39 17.44 -0.22
N ILE A 120 -16.04 17.39 0.93
CA ILE A 120 -16.04 18.54 1.85
C ILE A 120 -14.66 18.79 2.43
N GLU A 121 -13.99 17.73 2.89
CA GLU A 121 -12.71 17.91 3.56
C GLU A 121 -11.50 18.07 2.63
N GLY A 122 -11.64 17.58 1.39
CA GLY A 122 -10.55 17.65 0.42
C GLY A 122 -9.61 16.45 0.45
N HIS A 123 -9.83 15.55 1.41
CA HIS A 123 -9.06 14.29 1.54
C HIS A 123 -9.88 13.20 2.27
N PRO A 124 -9.60 11.92 1.99
CA PRO A 124 -10.48 10.89 2.49
C PRO A 124 -10.04 10.24 3.81
N ASP A 125 -8.86 10.57 4.33
CA ASP A 125 -8.20 9.71 5.31
C ASP A 125 -8.56 9.91 6.79
N ASN A 126 -9.25 11.01 7.12
CA ASN A 126 -10.00 11.06 8.37
C ASN A 126 -11.41 10.52 8.19
N VAL A 127 -12.12 11.02 7.17
CA VAL A 127 -13.56 10.77 7.01
C VAL A 127 -13.95 9.32 6.66
N ALA A 128 -13.14 8.62 5.87
CA ALA A 128 -13.50 7.25 5.53
C ALA A 128 -13.47 6.36 6.81
N PRO A 129 -12.36 6.38 7.58
CA PRO A 129 -12.41 5.62 8.85
C PRO A 129 -13.47 6.15 9.85
N ALA A 130 -13.79 7.45 9.82
CA ALA A 130 -14.86 7.96 10.69
C ALA A 130 -16.20 7.31 10.33
N VAL A 131 -16.44 7.10 9.05
CA VAL A 131 -17.65 6.41 8.61
C VAL A 131 -17.54 4.89 8.72
N LEU A 132 -16.40 4.31 8.36
CA LEU A 132 -16.33 2.85 8.11
C LEU A 132 -15.78 2.10 9.30
N GLY A 133 -15.05 2.81 10.14
CA GLY A 133 -14.45 2.23 11.31
C GLY A 133 -13.12 1.59 10.93
N ASN A 134 -12.32 1.31 11.96
CA ASN A 134 -11.07 0.62 11.82
C ASN A 134 -10.05 1.35 10.93
N TRP A 135 -9.36 0.60 10.08
CA TRP A 135 -8.25 1.12 9.28
C TRP A 135 -8.70 1.16 7.83
N VAL A 136 -8.62 2.34 7.22
CA VAL A 136 -8.99 2.52 5.81
C VAL A 136 -7.81 2.99 4.99
N VAL A 137 -7.55 2.28 3.89
CA VAL A 137 -6.61 2.73 2.88
C VAL A 137 -7.43 3.31 1.74
N GLY A 138 -7.15 4.56 1.39
CA GLY A 138 -8.01 5.32 0.49
C GLY A 138 -7.27 6.05 -0.59
N ALA A 139 -8.03 6.42 -1.62
CA ALA A 139 -7.53 7.31 -2.67
C ALA A 139 -8.67 8.20 -3.18
N LYS A 140 -8.41 9.48 -3.23
CA LYS A 140 -9.36 10.45 -3.75
C LYS A 140 -8.75 10.94 -5.04
N LEU A 141 -9.41 10.63 -6.16
CA LEU A 141 -8.82 10.80 -7.50
C LEU A 141 -9.83 11.59 -8.28
N ASP A 142 -9.49 12.85 -8.53
CA ASP A 142 -10.49 13.83 -8.87
C ASP A 142 -11.64 13.27 -9.70
N GLY A 143 -12.81 13.42 -9.09
CA GLY A 143 -13.93 12.55 -9.33
C GLY A 143 -14.18 11.79 -8.04
N GLU A 144 -13.65 10.58 -7.98
CA GLU A 144 -14.22 9.55 -7.12
C GLU A 144 -13.34 9.19 -5.93
N ASP A 145 -13.85 8.26 -5.12
CA ASP A 145 -13.10 7.73 -3.99
C ASP A 145 -13.04 6.21 -4.09
N PHE A 146 -11.85 5.69 -3.80
CA PHE A 146 -11.64 4.25 -3.70
C PHE A 146 -11.04 4.02 -2.34
N TYR A 147 -11.48 2.95 -1.69
CA TYR A 147 -11.03 2.67 -0.35
C TYR A 147 -11.16 1.19 -0.05
N VAL A 148 -10.29 0.71 0.82
CA VAL A 148 -10.38 -0.65 1.34
C VAL A 148 -10.30 -0.54 2.85
N ARG A 149 -11.23 -1.19 3.53
CA ARG A 149 -11.18 -1.31 4.98
C ARG A 149 -10.53 -2.63 5.40
N HIS A 150 -9.53 -2.53 6.27
CA HIS A 150 -8.85 -3.67 6.82
C HIS A 150 -8.93 -3.60 8.35
N LEU A 151 -8.66 -4.71 9.02
CA LEU A 151 -8.53 -4.74 10.47
C LEU A 151 -7.13 -4.38 10.85
N PHE A 152 -7.00 -3.37 11.71
CA PHE A 152 -5.70 -3.03 12.26
C PHE A 152 -5.48 -4.04 13.37
N PRO A 153 -4.24 -4.57 13.50
CA PRO A 153 -3.85 -5.56 14.52
C PRO A 153 -4.10 -5.14 15.96
N CYS A 155 -3.07 -3.85 18.66
CA CYS A 155 -2.45 -2.52 18.81
C CYS A 155 -3.26 -1.62 19.74
N ALA A 156 -2.57 -1.04 20.73
CA ALA A 156 -3.11 0.08 21.46
C ALA A 156 -2.35 1.37 21.15
N LEU A 157 -2.96 2.51 21.43
CA LEU A 157 -2.28 3.77 21.14
C LEU A 157 -2.14 4.64 22.39
N ILE A 158 -0.97 5.22 22.57
CA ILE A 158 -0.80 6.20 23.62
C ILE A 158 -0.67 7.57 22.98
N ALA A 159 -1.62 8.44 23.30
CA ALA A 159 -1.69 9.76 22.70
C ALA A 159 -1.13 10.82 23.66
N PHE A 160 -0.14 11.57 23.18
CA PHE A 160 0.24 12.79 23.86
C PHE A 160 -0.59 13.92 23.29
N ILE A 161 -1.59 14.35 24.04
CA ILE A 161 -2.46 15.40 23.58
C ILE A 161 -2.08 16.76 24.25
N PRO A 162 -1.38 17.64 23.51
CA PRO A 162 -1.07 18.96 24.07
C PRO A 162 -2.22 19.94 23.78
N LYS A 163 -2.01 21.18 24.17
CA LYS A 163 -2.93 22.29 23.89
C LYS A 163 -2.95 22.54 22.39
N ALA A 164 -4.01 23.17 21.91
CA ALA A 164 -4.05 23.64 20.53
C ALA A 164 -2.77 24.43 20.21
N GLU A 165 -2.29 24.31 18.98
CA GLU A 165 -1.16 25.10 18.50
C GLU A 165 -1.46 26.61 18.65
N LEU A 166 -0.47 27.39 19.10
CA LEU A 166 -0.72 28.80 19.37
C LEU A 166 -0.79 29.67 18.12
N LEU A 167 -0.04 29.31 17.08
CA LEU A 167 -0.24 29.88 15.76
C LEU A 167 -0.95 28.86 14.88
N PRO A 176 4.82 22.21 0.09
CA PRO A 176 5.73 21.74 -0.97
C PRO A 176 5.00 21.62 -2.31
N ASP A 177 5.53 22.28 -3.33
CA ASP A 177 4.83 22.47 -4.61
C ASP A 177 5.01 21.29 -5.56
N THR A 178 6.15 20.62 -5.43
CA THR A 178 6.62 19.66 -6.42
C THR A 178 7.66 18.76 -5.75
N LEU A 179 7.84 17.55 -6.28
CA LEU A 179 8.82 16.61 -5.73
C LEU A 179 9.61 15.95 -6.85
N PRO A 180 10.91 15.70 -6.62
CA PRO A 180 11.63 14.88 -7.59
C PRO A 180 10.91 13.55 -7.76
N PHE A 181 10.69 13.19 -9.02
CA PHE A 181 10.09 11.92 -9.37
C PHE A 181 10.55 10.77 -8.45
N LYS A 182 11.86 10.59 -8.36
CA LYS A 182 12.44 9.46 -7.63
C LYS A 182 12.01 9.47 -6.17
N GLU A 183 11.89 10.66 -5.59
CA GLU A 183 11.50 10.82 -4.20
C GLU A 183 10.07 10.36 -4.01
N ALA A 184 9.20 10.74 -4.93
CA ALA A 184 7.79 10.36 -4.88
C ALA A 184 7.61 8.83 -5.00
N VAL A 185 8.36 8.20 -5.92
CA VAL A 185 8.33 6.76 -6.15
C VAL A 185 8.73 6.02 -4.87
N GLN A 186 9.78 6.51 -4.23
CA GLN A 186 10.30 5.95 -3.00
C GLN A 186 9.31 6.11 -1.83
N ALA A 187 8.69 7.27 -1.71
CA ALA A 187 7.72 7.49 -0.62
C ALA A 187 6.52 6.57 -0.80
N SER A 188 6.12 6.36 -2.04
CA SER A 188 5.04 5.46 -2.33
C SER A 188 5.42 4.05 -1.86
N SER A 189 6.65 3.64 -2.17
CA SER A 189 7.08 2.26 -1.90
C SER A 189 7.12 2.00 -0.41
N ILE A 190 7.39 3.03 0.39
CA ILE A 190 7.40 2.90 1.85
C ILE A 190 5.99 2.70 2.45
N ALA A 191 5.00 3.43 1.92
CA ALA A 191 3.63 3.23 2.34
C ALA A 191 3.16 1.83 1.90
N ASN A 192 3.49 1.44 0.68
CA ASN A 192 3.17 0.09 0.15
C ASN A 192 3.68 -0.99 1.12
N VAL A 193 4.95 -0.89 1.51
CA VAL A 193 5.55 -1.84 2.43
C VAL A 193 4.86 -1.82 3.80
N MET A 194 4.56 -0.62 4.31
CA MET A 194 3.85 -0.45 5.58
C MET A 194 2.53 -1.21 5.52
N ILE A 195 1.75 -0.98 4.46
CA ILE A 195 0.47 -1.68 4.30
C ILE A 195 0.67 -3.21 4.22
N ALA A 196 1.58 -3.66 3.37
CA ALA A 196 1.84 -5.09 3.25
C ALA A 196 2.29 -5.72 4.59
N ALA A 197 3.08 -4.99 5.37
CA ALA A 197 3.61 -5.53 6.63
C ALA A 197 2.54 -5.66 7.67
N ILE A 198 1.61 -4.70 7.69
CA ILE A 198 0.53 -4.73 8.65
C ILE A 198 -0.25 -5.98 8.43
N LEU A 199 -0.42 -6.35 7.15
CA LEU A 199 -1.21 -7.54 6.82
C LEU A 199 -0.47 -8.89 7.04
N ARG A 200 0.82 -8.84 7.36
CA ARG A 200 1.52 -10.02 7.88
C ARG A 200 1.52 -10.04 9.42
N ASN A 201 0.85 -9.04 10.02
CA ASN A 201 0.95 -8.78 11.48
C ASN A 201 2.39 -8.39 11.90
N ASP A 202 3.18 -7.85 10.97
CA ASP A 202 4.59 -7.44 11.27
C ASP A 202 4.62 -5.97 11.64
N MET A 203 4.15 -5.68 12.85
CA MET A 203 3.95 -4.28 13.30
C MET A 203 5.28 -3.58 13.61
N THR A 204 6.29 -4.39 13.92
CA THR A 204 7.66 -3.89 14.01
C THR A 204 8.12 -3.28 12.69
N LEU A 205 8.03 -4.06 11.62
CA LEU A 205 8.39 -3.49 10.31
C LEU A 205 7.45 -2.34 9.95
N ALA A 206 6.14 -2.51 10.13
CA ALA A 206 5.19 -1.44 9.83
C ALA A 206 5.56 -0.16 10.56
N GLY A 207 5.93 -0.29 11.84
CA GLY A 207 6.18 0.87 12.69
C GLY A 207 7.39 1.63 12.21
N GLU A 208 8.38 0.87 11.76
CA GLU A 208 9.56 1.40 11.10
C GLU A 208 9.26 2.22 9.83
N MET A 209 8.35 1.72 9.01
CA MET A 209 7.94 2.46 7.80
C MET A 209 7.12 3.69 8.20
N MET A 210 6.24 3.51 9.18
CA MET A 210 5.34 4.53 9.62
C MET A 210 6.08 5.79 10.13
N GLU A 211 7.29 5.63 10.67
CA GLU A 211 8.09 6.74 11.21
C GLU A 211 8.81 7.61 10.16
N ARG A 212 8.92 7.13 8.93
CA ARG A 212 9.51 7.95 7.86
C ARG A 212 8.48 8.95 7.25
N ASP A 213 8.89 10.19 7.04
CA ASP A 213 7.93 11.22 6.58
C ASP A 213 7.76 11.25 5.05
N LEU A 214 8.80 11.77 4.38
CA LEU A 214 9.05 11.73 2.93
C LEU A 214 8.24 12.65 2.01
N TRP A 215 7.12 13.18 2.50
CA TRP A 215 6.16 13.85 1.61
C TRP A 215 6.23 15.40 1.51
N SER A 221 5.67 21.19 14.85
CA SER A 221 4.74 21.63 15.88
C SER A 221 5.24 21.26 17.31
N GLN A 222 4.48 21.64 18.33
CA GLN A 222 4.98 21.76 19.73
C GLN A 222 5.70 20.55 20.34
N LEU A 223 5.25 19.35 19.98
CA LEU A 223 5.79 18.13 20.57
C LEU A 223 6.96 17.52 19.81
N VAL A 224 7.30 18.13 18.67
CA VAL A 224 8.35 17.58 17.80
C VAL A 224 9.70 17.40 18.52
N PRO A 225 10.21 18.43 19.25
CA PRO A 225 11.56 18.23 19.85
C PRO A 225 11.67 17.09 20.89
N HIS A 226 10.54 16.53 21.31
CA HIS A 226 10.50 15.42 22.27
C HIS A 226 10.22 14.08 21.60
N LEU A 227 10.18 14.09 20.27
CA LEU A 227 9.82 12.91 19.51
C LEU A 227 10.85 11.80 19.62
N ALA A 228 12.12 12.15 19.39
CA ALA A 228 13.23 11.22 19.54
C ALA A 228 13.24 10.56 20.93
N GLN A 229 12.96 11.38 21.96
CA GLN A 229 12.95 10.94 23.34
C GLN A 229 11.77 10.00 23.62
N ILE A 230 10.60 10.36 23.10
CA ILE A 230 9.42 9.53 23.20
C ILE A 230 9.66 8.18 22.50
N ARG A 231 10.18 8.22 21.27
CA ARG A 231 10.63 7.02 20.54
C ARG A 231 11.57 6.13 21.34
N ASP A 232 12.66 6.71 21.83
CA ASP A 232 13.67 5.97 22.59
C ASP A 232 13.04 5.19 23.71
N VAL A 233 12.23 5.88 24.51
CA VAL A 233 11.55 5.29 25.66
C VAL A 233 10.51 4.22 25.30
N ALA A 234 9.62 4.57 24.37
CA ALA A 234 8.56 3.67 23.95
C ALA A 234 9.10 2.44 23.26
N LYS A 235 9.94 2.61 22.25
CA LYS A 235 10.44 1.50 21.45
C LYS A 235 11.41 0.64 22.22
N ASN A 236 12.12 1.24 23.18
CA ASN A 236 12.99 0.39 24.00
C ASN A 236 12.24 -0.55 24.94
N GLN A 237 10.93 -0.34 25.11
CA GLN A 237 10.07 -1.28 25.83
C GLN A 237 9.21 -2.18 24.91
N GLY A 238 9.29 -1.95 23.60
CA GLY A 238 8.63 -2.83 22.63
C GLY A 238 7.52 -2.16 21.84
N ALA A 239 7.43 -0.84 21.93
CA ALA A 239 6.45 -0.11 21.11
C ALA A 239 6.90 -0.20 19.65
N TYR A 240 5.95 -0.09 18.73
CA TYR A 240 6.26 -0.13 17.29
C TYR A 240 6.83 1.16 16.73
N ALA A 241 6.32 2.28 17.22
CA ALA A 241 6.53 3.55 16.55
C ALA A 241 5.90 4.69 17.37
N ALA A 242 6.40 5.90 17.15
CA ALA A 242 5.80 7.11 17.67
C ALA A 242 5.76 8.09 16.48
N CYS A 243 4.58 8.65 16.21
CA CYS A 243 4.38 9.52 15.07
C CYS A 243 3.48 10.67 15.43
N LEU A 244 3.67 11.78 14.74
CA LEU A 244 2.60 12.77 14.69
C LEU A 244 1.29 12.12 14.19
N SER A 245 0.20 12.50 14.82
CA SER A 245 -1.15 12.17 14.36
C SER A 245 -1.57 13.21 13.32
N GLY A 246 -1.75 12.78 12.07
CA GLY A 246 -2.14 13.68 10.99
C GLY A 246 -1.16 14.82 10.87
N ALA A 247 -1.64 16.06 10.98
CA ALA A 247 -0.75 17.21 10.87
C ALA A 247 -0.24 17.63 12.26
N GLY A 248 -0.59 16.86 13.28
CA GLY A 248 -0.23 17.22 14.64
C GLY A 248 -1.30 18.10 15.28
N PRO A 249 -1.03 18.63 16.48
CA PRO A 249 0.21 18.41 17.20
C PRO A 249 0.27 17.13 18.07
N THR A 250 -0.82 16.38 18.21
CA THR A 250 -0.70 15.18 19.04
C THR A 250 0.28 14.17 18.44
N VAL A 251 0.95 13.45 19.33
CA VAL A 251 1.88 12.39 18.99
C VAL A 251 1.23 11.09 19.44
N LEU A 252 1.24 10.08 18.56
CA LEU A 252 0.76 8.76 18.90
C LEU A 252 1.89 7.75 18.99
N VAL A 253 1.82 6.92 20.01
CA VAL A 253 2.75 5.83 20.18
C VAL A 253 1.93 4.58 19.86
N PHE A 254 2.45 3.75 18.96
CA PHE A 254 1.75 2.51 18.61
C PHE A 254 2.44 1.36 19.36
N ALA A 255 1.69 0.51 20.03
CA ALA A 255 2.29 -0.52 20.90
C ALA A 255 1.44 -1.77 21.03
N PRO A 256 2.08 -2.92 21.25
CA PRO A 256 1.34 -4.15 21.56
C PRO A 256 0.33 -3.84 22.68
N ARG A 257 -0.84 -4.46 22.59
CA ARG A 257 -1.86 -4.23 23.61
C ARG A 257 -1.45 -4.57 25.04
N ASN A 258 -0.65 -5.61 25.22
CA ASN A 258 -0.26 -6.01 26.57
C ASN A 258 0.60 -4.93 27.24
N LEU A 259 1.17 -4.04 26.44
CA LEU A 259 2.07 -3.01 26.93
C LEU A 259 1.38 -1.68 27.22
N ALA A 260 0.13 -1.54 26.82
CA ALA A 260 -0.58 -0.27 26.90
C ALA A 260 -0.46 0.43 28.27
N ASN A 261 -0.91 -0.23 29.32
CA ASN A 261 -0.99 0.38 30.67
C ASN A 261 0.38 0.80 31.19
N LYS A 262 1.35 -0.10 31.05
CA LYS A 262 2.68 0.11 31.56
C LYS A 262 3.40 1.19 30.71
N LEU A 263 3.06 1.26 29.40
CA LEU A 263 3.56 2.33 28.54
C LEU A 263 2.98 3.68 28.87
N GLN A 264 1.70 3.74 29.17
CA GLN A 264 1.11 5.00 29.59
C GLN A 264 1.89 5.55 30.80
N THR A 265 1.92 4.76 31.87
CA THR A 265 2.61 5.07 33.13
C THR A 265 4.04 5.53 32.87
N SER A 266 4.79 4.70 32.15
CA SER A 266 6.14 5.02 31.75
C SER A 266 6.31 6.36 30.98
N LEU A 267 5.42 6.64 30.04
CA LEU A 267 5.55 7.86 29.25
C LEU A 267 5.14 9.11 30.06
N GLN A 268 4.18 8.93 30.96
CA GLN A 268 3.82 9.94 31.94
C GLN A 268 5.00 10.40 32.82
N THR A 269 6.07 9.62 32.95
CA THR A 269 7.23 10.06 33.76
C THR A 269 8.09 11.11 33.07
N LEU A 270 7.84 11.34 31.78
CA LEU A 270 8.65 12.31 31.02
C LEU A 270 8.27 13.75 31.34
N GLU A 271 7.10 13.93 31.95
CA GLU A 271 6.56 15.25 32.36
C GLU A 271 6.61 16.25 31.22
N ILE A 272 6.08 15.81 30.10
CA ILE A 272 5.94 16.63 28.93
C ILE A 272 4.58 17.32 29.13
N ASP A 273 4.47 18.53 28.62
CA ASP A 273 3.25 19.31 28.76
C ASP A 273 2.15 18.80 27.81
N ALA A 274 1.51 17.69 28.21
CA ALA A 274 0.43 17.09 27.43
C ALA A 274 -0.23 16.03 28.26
N ASP A 275 -1.52 15.83 28.06
CA ASP A 275 -2.22 14.71 28.67
C ASP A 275 -1.78 13.44 27.92
N VAL A 276 -1.52 12.39 28.68
CA VAL A 276 -1.17 11.10 28.11
C VAL A 276 -2.38 10.19 28.24
N LEU A 277 -2.98 9.86 27.09
CA LEU A 277 -4.24 9.13 27.06
C LEU A 277 -4.09 7.78 26.39
N LEU A 278 -4.85 6.80 26.84
CA LEU A 278 -4.82 5.48 26.24
C LEU A 278 -6.02 5.34 25.30
N LEU A 279 -5.73 5.05 24.04
CA LEU A 279 -6.79 4.87 23.04
C LEU A 279 -6.72 3.50 22.44
N ASP A 280 -7.86 2.97 22.00
CA ASP A 280 -7.88 1.77 21.21
C ASP A 280 -8.31 2.07 19.77
N VAL A 281 -8.07 1.12 18.87
CA VAL A 281 -8.67 1.11 17.53
C VAL A 281 -10.17 0.97 17.71
N GLU A 282 -10.94 1.84 17.06
CA GLU A 282 -12.40 1.72 17.09
C GLU A 282 -12.88 1.04 15.79
N GLY A 283 -13.49 -0.13 15.95
CA GLY A 283 -13.92 -0.95 14.84
C GLY A 283 -15.15 -0.47 14.13
N SER A 284 -16.01 0.29 14.82
CA SER A 284 -17.29 0.75 14.24
C SER A 284 -17.18 2.17 13.76
N GLY A 285 -17.71 2.45 12.59
CA GLY A 285 -17.77 3.81 12.15
C GLY A 285 -18.95 4.53 12.79
N ALA A 286 -19.23 5.73 12.28
CA ALA A 286 -20.32 6.56 12.75
C ALA A 286 -21.63 5.76 12.89
N GLU A 287 -22.29 5.91 14.04
CA GLU A 287 -23.56 5.23 14.30
C GLU A 287 -24.66 6.25 14.63
N VAL A 288 -25.86 5.92 14.17
CA VAL A 288 -27.09 6.61 14.53
C VAL A 288 -27.98 5.57 15.21
N PHE A 289 -28.42 5.89 16.43
CA PHE A 289 -29.15 4.94 17.28
C PHE A 289 -30.00 5.66 18.32
N ARG A 290 -30.97 4.93 18.86
CA ARG A 290 -31.80 5.40 19.96
C ARG A 290 -31.28 4.89 21.30
N GLU A 291 -31.22 5.80 22.27
CA GLU A 291 -30.83 5.47 23.64
C GLU A 291 -31.55 6.38 24.64
N GLY A 292 -31.84 5.83 25.81
CA GLY A 292 -32.53 6.55 26.89
C GLY A 292 -31.60 7.36 27.76
N SER B 2 22.01 -34.57 -13.21
CA SER B 2 22.85 -33.34 -13.07
C SER B 2 22.14 -32.23 -12.27
N LEU B 3 22.94 -31.38 -11.62
CA LEU B 3 22.45 -30.22 -10.88
C LEU B 3 21.80 -29.25 -11.85
N ARG B 4 20.60 -28.79 -11.50
CA ARG B 4 19.85 -27.85 -12.33
C ARG B 4 19.44 -26.63 -11.50
N ILE B 5 19.30 -25.50 -12.17
CA ILE B 5 18.91 -24.27 -11.54
C ILE B 5 17.76 -23.78 -12.39
N ARG B 6 16.66 -23.45 -11.74
CA ARG B 6 15.48 -22.94 -12.40
C ARG B 6 15.06 -21.64 -11.69
N VAL B 7 14.79 -20.63 -12.51
CA VAL B 7 14.48 -19.28 -12.07
C VAL B 7 13.31 -18.80 -12.93
N PRO B 8 12.26 -18.25 -12.29
CA PRO B 8 11.09 -17.80 -13.03
C PRO B 8 11.12 -16.36 -13.59
N ALA B 9 10.33 -16.15 -14.62
CA ALA B 9 9.99 -14.84 -15.10
C ALA B 9 9.35 -14.03 -13.94
N THR B 10 9.38 -12.71 -14.06
CA THR B 10 8.75 -11.86 -13.12
C THR B 10 8.17 -10.66 -13.84
N THR B 11 7.01 -10.20 -13.38
CA THR B 11 6.52 -8.92 -13.87
C THR B 11 6.64 -7.91 -12.72
N ALA B 12 7.28 -6.78 -12.99
CA ALA B 12 7.38 -5.71 -12.02
C ALA B 12 6.43 -4.54 -12.34
N ASN B 13 6.14 -3.74 -11.32
CA ASN B 13 5.25 -2.56 -11.38
C ASN B 13 3.79 -2.83 -11.08
N LEU B 14 3.17 -3.71 -11.84
CA LEU B 14 1.74 -3.93 -11.68
C LEU B 14 1.08 -2.55 -11.65
N GLY B 15 1.31 -1.75 -12.70
CA GLY B 15 0.84 -0.37 -12.78
C GLY B 15 1.42 0.60 -11.76
N PRO B 16 0.56 1.11 -10.84
CA PRO B 16 0.95 2.12 -9.84
C PRO B 16 1.98 1.63 -8.82
N GLY B 17 2.17 0.32 -8.69
CA GLY B 17 3.25 -0.25 -7.87
C GLY B 17 4.64 -0.14 -8.50
N PHE B 18 4.79 0.77 -9.47
CA PHE B 18 6.07 1.12 -10.09
C PHE B 18 7.29 1.04 -9.14
N ASP B 19 8.29 0.23 -9.50
CA ASP B 19 9.50 0.01 -8.67
C ASP B 19 9.24 -0.59 -7.25
N SER B 20 8.10 -1.20 -7.02
CA SER B 20 7.79 -1.71 -5.68
C SER B 20 7.22 -3.14 -5.69
N CYS B 21 6.20 -3.39 -6.50
CA CYS B 21 5.59 -4.73 -6.58
C CYS B 21 6.17 -5.55 -7.70
N GLY B 22 6.38 -6.83 -7.40
CA GLY B 22 6.78 -7.78 -8.39
C GLY B 22 6.12 -9.12 -8.16
N LEU B 23 5.90 -9.87 -9.23
CA LEU B 23 5.17 -11.11 -9.13
C LEU B 23 5.89 -12.14 -9.99
N ALA B 24 6.18 -13.32 -9.44
CA ALA B 24 6.84 -14.39 -10.21
C ALA B 24 5.82 -15.17 -11.03
N LEU B 25 6.24 -15.58 -12.23
CA LEU B 25 5.35 -16.21 -13.20
C LEU B 25 5.89 -17.55 -13.66
N THR B 26 4.99 -18.43 -14.13
CA THR B 26 5.36 -19.79 -14.52
C THR B 26 5.95 -19.81 -15.95
N LEU B 27 7.04 -19.05 -16.16
CA LEU B 27 7.89 -19.16 -17.35
C LEU B 27 9.31 -19.15 -16.80
N TYR B 28 10.19 -19.96 -17.37
CA TYR B 28 11.43 -20.24 -16.66
C TYR B 28 12.71 -20.13 -17.48
N LEU B 29 13.76 -19.68 -16.80
CA LEU B 29 15.12 -19.85 -17.23
C LEU B 29 15.64 -21.05 -16.43
N THR B 30 16.10 -22.08 -17.14
CA THR B 30 16.65 -23.28 -16.48
C THR B 30 18.07 -23.60 -16.96
N LEU B 31 18.97 -23.81 -16.01
CA LEU B 31 20.37 -24.18 -16.27
C LEU B 31 20.64 -25.62 -15.88
N ASP B 32 21.57 -26.23 -16.61
CA ASP B 32 21.98 -27.63 -16.41
C ASP B 32 23.51 -27.65 -16.33
N ILE B 33 24.06 -27.93 -15.15
CA ILE B 33 25.50 -27.84 -14.89
C ILE B 33 26.25 -29.14 -15.25
N GLY B 34 27.10 -29.08 -16.29
CA GLY B 34 28.00 -30.18 -16.67
C GLY B 34 29.29 -30.27 -15.85
N ALA B 35 30.25 -31.03 -16.35
CA ALA B 35 31.52 -31.22 -15.64
C ALA B 35 32.41 -29.98 -15.63
N GLU B 36 33.41 -30.02 -14.76
CA GLU B 36 34.42 -28.99 -14.67
C GLU B 36 35.22 -28.90 -15.98
N ALA B 37 35.91 -27.77 -16.19
CA ALA B 37 36.67 -27.52 -17.42
C ALA B 37 37.67 -26.36 -17.30
N ASP B 38 38.49 -26.20 -18.34
CA ASP B 38 39.46 -25.10 -18.44
C ASP B 38 38.82 -23.71 -18.61
N SER B 39 37.61 -23.69 -19.19
CA SER B 39 36.88 -22.44 -19.47
C SER B 39 35.37 -22.61 -19.34
N TRP B 40 34.68 -21.48 -19.16
CA TRP B 40 33.22 -21.44 -19.13
C TRP B 40 32.66 -21.55 -20.53
N TYR B 41 31.64 -22.37 -20.70
CA TYR B 41 30.86 -22.40 -21.94
C TYR B 41 29.41 -22.74 -21.61
N ILE B 42 28.48 -22.24 -22.43
CA ILE B 42 27.05 -22.49 -22.25
C ILE B 42 26.39 -22.83 -23.59
N GLU B 43 25.90 -24.06 -23.71
CA GLU B 43 25.17 -24.51 -24.89
C GLU B 43 23.74 -23.95 -24.83
N HIS B 44 23.33 -23.14 -25.80
CA HIS B 44 21.98 -22.52 -25.76
C HIS B 44 21.41 -22.06 -27.10
N ASN B 45 20.12 -21.68 -27.08
CA ASN B 45 19.47 -20.96 -28.19
C ASN B 45 18.91 -19.60 -27.77
N ILE B 50 23.38 -13.30 -27.03
CA ILE B 50 23.62 -13.73 -25.66
C ILE B 50 24.88 -14.61 -25.58
N PRO B 51 25.92 -14.12 -24.88
CA PRO B 51 27.25 -14.76 -24.84
C PRO B 51 27.21 -16.23 -24.44
N HIS B 52 28.11 -17.03 -25.04
CA HIS B 52 28.21 -18.46 -24.76
C HIS B 52 29.34 -18.71 -23.80
N ASP B 53 30.04 -17.65 -23.43
CA ASP B 53 31.23 -17.76 -22.61
C ASP B 53 31.10 -16.92 -21.33
N GLU B 54 32.23 -16.76 -20.64
CA GLU B 54 32.36 -16.00 -19.40
C GLU B 54 31.69 -14.62 -19.39
N THR B 55 31.43 -14.06 -20.57
CA THR B 55 30.83 -12.73 -20.68
C THR B 55 29.33 -12.76 -20.38
N ASN B 56 28.74 -13.95 -20.42
CA ASN B 56 27.32 -14.12 -20.08
C ASN B 56 27.03 -13.63 -18.67
N VAL B 57 25.88 -12.97 -18.54
CA VAL B 57 25.44 -12.33 -17.30
C VAL B 57 25.51 -13.28 -16.13
N ILE B 58 24.99 -14.49 -16.33
CA ILE B 58 25.02 -15.54 -15.31
C ILE B 58 26.43 -15.74 -14.76
N ILE B 59 27.38 -15.87 -15.68
CA ILE B 59 28.76 -16.15 -15.30
C ILE B 59 29.47 -14.95 -14.70
N GLU B 60 29.31 -13.76 -15.32
CA GLU B 60 29.88 -12.52 -14.77
C GLU B 60 29.39 -12.33 -13.34
N THR B 61 28.11 -12.66 -13.11
CA THR B 61 27.49 -12.47 -11.79
C THR B 61 28.07 -13.46 -10.81
N ALA B 62 28.17 -14.71 -11.24
CA ALA B 62 28.66 -15.76 -10.35
C ALA B 62 30.10 -15.44 -9.91
N LEU B 63 30.93 -15.15 -10.89
CA LEU B 63 32.32 -14.76 -10.67
C LEU B 63 32.44 -13.53 -9.80
N ASN B 64 31.48 -12.60 -9.88
CA ASN B 64 31.47 -11.48 -8.95
C ASN B 64 31.29 -11.88 -7.50
N LEU B 65 30.53 -12.95 -7.26
CA LEU B 65 30.33 -13.47 -5.90
C LEU B 65 31.48 -14.36 -5.44
N ALA B 66 31.92 -15.23 -6.34
CA ALA B 66 32.99 -16.15 -6.04
C ALA B 66 33.91 -16.11 -7.26
N PRO B 67 34.96 -15.26 -7.19
CA PRO B 67 35.88 -15.01 -8.31
C PRO B 67 36.64 -16.26 -8.70
N ASN B 68 36.82 -17.16 -7.73
CA ASN B 68 37.66 -18.34 -7.89
C ASN B 68 36.93 -19.64 -8.25
N LEU B 69 35.67 -19.53 -8.68
CA LEU B 69 34.93 -20.69 -9.19
C LEU B 69 35.71 -21.45 -10.26
N THR B 70 35.75 -22.77 -10.09
CA THR B 70 36.25 -23.64 -11.16
C THR B 70 35.28 -23.52 -12.33
N PRO B 71 35.78 -23.17 -13.54
CA PRO B 71 34.92 -23.13 -14.72
C PRO B 71 34.22 -24.45 -14.99
N HIS B 72 33.08 -24.33 -15.68
CA HIS B 72 32.18 -25.44 -15.99
C HIS B 72 31.58 -25.25 -17.38
N HIS B 73 31.15 -26.34 -17.99
CA HIS B 73 30.27 -26.28 -19.14
CA HIS B 73 30.26 -26.31 -19.14
C HIS B 73 28.83 -26.37 -18.63
N LEU B 74 27.91 -25.66 -19.29
CA LEU B 74 26.50 -25.57 -18.89
C LEU B 74 25.57 -25.67 -20.09
N VAL B 75 24.32 -26.08 -19.83
CA VAL B 75 23.24 -26.04 -20.82
C VAL B 75 22.08 -25.20 -20.28
N MET B 76 21.56 -24.33 -21.12
CA MET B 76 20.58 -23.34 -20.72
C MET B 76 19.35 -23.35 -21.64
N THR B 77 18.18 -23.45 -21.00
CA THR B 77 16.87 -23.36 -21.67
C THR B 77 16.09 -22.20 -21.02
N CYS B 78 15.49 -21.36 -21.84
CA CYS B 78 14.82 -20.17 -21.36
C CYS B 78 13.63 -19.85 -22.22
N ASP B 79 12.43 -20.03 -21.66
CA ASP B 79 11.22 -19.58 -22.37
C ASP B 79 10.73 -18.17 -21.99
N ILE B 80 11.56 -17.46 -21.23
CA ILE B 80 11.34 -16.04 -21.02
C ILE B 80 11.91 -15.23 -22.20
N PRO B 81 11.06 -14.50 -22.95
CA PRO B 81 11.58 -13.70 -24.06
C PRO B 81 12.44 -12.54 -23.56
N PRO B 82 13.58 -12.28 -24.25
CA PRO B 82 14.48 -11.20 -23.83
C PRO B 82 13.87 -9.86 -24.18
N ALA B 83 14.22 -8.85 -23.39
CA ALA B 83 13.81 -7.45 -23.60
C ALA B 83 12.30 -7.30 -23.83
N ARG B 84 11.52 -7.93 -22.98
CA ARG B 84 10.09 -7.89 -23.17
C ARG B 84 9.29 -7.55 -21.91
N GLY B 85 10.00 -7.15 -20.86
CA GLY B 85 9.38 -6.76 -19.59
C GLY B 85 8.95 -7.94 -18.73
N LEU B 86 9.58 -9.10 -18.94
CA LEU B 86 9.22 -10.29 -18.18
C LEU B 86 10.34 -10.82 -17.28
N GLY B 87 11.34 -9.98 -17.01
CA GLY B 87 12.41 -10.31 -16.10
C GLY B 87 13.43 -11.35 -16.54
N SER B 88 13.71 -11.43 -17.85
CA SER B 88 14.83 -12.25 -18.41
C SER B 88 16.12 -11.97 -17.71
N SER B 89 16.47 -10.69 -17.69
CA SER B 89 17.75 -10.22 -17.19
C SER B 89 17.80 -10.43 -15.69
N SER B 90 16.68 -10.16 -15.02
CA SER B 90 16.56 -10.48 -13.61
C SER B 90 16.81 -11.96 -13.32
N ALA B 91 16.22 -12.82 -14.16
CA ALA B 91 16.29 -14.25 -13.97
C ALA B 91 17.74 -14.75 -14.18
N ALA B 92 18.46 -14.15 -15.12
CA ALA B 92 19.87 -14.52 -15.41
C ALA B 92 20.78 -14.15 -14.25
N VAL B 93 20.58 -12.97 -13.70
CA VAL B 93 21.34 -12.52 -12.55
C VAL B 93 21.07 -13.43 -11.33
N VAL B 94 19.80 -13.74 -11.12
CA VAL B 94 19.46 -14.64 -10.02
C VAL B 94 20.08 -16.04 -10.21
N ALA B 95 20.05 -16.55 -11.44
CA ALA B 95 20.65 -17.82 -11.75
C ALA B 95 22.16 -17.82 -11.39
N GLY B 96 22.82 -16.70 -11.74
CA GLY B 96 24.23 -16.51 -11.45
C GLY B 96 24.51 -16.52 -9.97
N ILE B 97 23.63 -15.89 -9.21
CA ILE B 97 23.73 -15.96 -7.75
C ILE B 97 23.60 -17.40 -7.26
N GLU B 98 22.59 -18.11 -7.77
CA GLU B 98 22.41 -19.54 -7.47
C GLU B 98 23.65 -20.38 -7.85
N LEU B 99 24.18 -20.19 -9.06
CA LEU B 99 25.42 -20.85 -9.51
C LEU B 99 26.58 -20.79 -8.49
N ALA B 100 26.86 -19.59 -7.99
CA ALA B 100 27.99 -19.36 -7.12
C ALA B 100 27.72 -19.88 -5.72
N ASN B 101 26.49 -19.65 -5.25
CA ASN B 101 26.07 -20.11 -3.93
C ASN B 101 26.32 -21.61 -3.79
N THR B 102 26.08 -22.31 -4.89
CA THR B 102 26.15 -23.75 -4.93
C THR B 102 27.58 -24.24 -5.15
N LEU B 103 28.19 -23.84 -6.27
CA LEU B 103 29.55 -24.28 -6.58
C LEU B 103 30.63 -23.92 -5.55
N ALA B 104 30.50 -22.75 -4.90
CA ALA B 104 31.43 -22.31 -3.89
C ALA B 104 30.85 -22.50 -2.49
N GLU B 105 29.66 -23.09 -2.42
CA GLU B 105 29.06 -23.48 -1.16
C GLU B 105 28.96 -22.31 -0.20
N LEU B 106 28.39 -21.21 -0.69
CA LEU B 106 28.27 -20.01 0.14
C LEU B 106 27.19 -20.11 1.21
N ASN B 107 26.24 -21.04 1.04
CA ASN B 107 25.07 -21.13 1.92
C ASN B 107 24.50 -19.74 2.28
N LEU B 108 24.24 -18.96 1.24
CA LEU B 108 23.55 -17.66 1.38
C LEU B 108 22.10 -17.85 1.79
N SER B 109 21.64 -17.00 2.71
CA SER B 109 20.23 -16.93 3.07
C SER B 109 19.52 -16.33 1.89
N LYS B 110 18.22 -16.58 1.75
CA LYS B 110 17.44 -15.95 0.66
C LYS B 110 17.44 -14.43 0.80
N GLU B 111 17.34 -13.93 2.04
CA GLU B 111 17.42 -12.49 2.32
C GLU B 111 18.71 -11.91 1.74
N GLU B 112 19.80 -12.66 1.89
CA GLU B 112 21.09 -12.31 1.27
C GLU B 112 21.10 -12.30 -0.26
N LYS B 113 20.52 -13.32 -0.87
CA LYS B 113 20.48 -13.42 -2.33
C LYS B 113 19.69 -12.25 -2.94
N VAL B 114 18.60 -11.85 -2.30
CA VAL B 114 17.82 -10.67 -2.75
C VAL B 114 18.70 -9.41 -2.65
N ARG B 115 19.30 -9.18 -1.48
CA ARG B 115 20.17 -8.01 -1.28
C ARG B 115 21.23 -7.91 -2.38
N ILE B 116 21.92 -9.03 -2.62
CA ILE B 116 22.95 -9.10 -3.66
C ILE B 116 22.35 -8.80 -5.04
N ALA B 117 21.26 -9.50 -5.39
CA ALA B 117 20.57 -9.32 -6.68
C ALA B 117 20.11 -7.88 -6.94
N ALA B 118 19.45 -7.28 -5.96
CA ALA B 118 18.97 -5.89 -6.01
C ALA B 118 20.10 -4.87 -6.23
N GLU B 119 21.16 -5.02 -5.44
CA GLU B 119 22.37 -4.22 -5.60
C GLU B 119 22.94 -4.29 -7.02
N ILE B 120 22.99 -5.48 -7.61
CA ILE B 120 23.48 -5.66 -8.98
C ILE B 120 22.57 -4.95 -9.96
N GLU B 121 21.26 -5.04 -9.69
CA GLU B 121 20.25 -4.62 -10.64
C GLU B 121 19.80 -3.17 -10.54
N GLY B 122 20.09 -2.53 -9.41
CA GLY B 122 19.60 -1.18 -9.11
C GLY B 122 18.27 -1.22 -8.37
N HIS B 123 17.41 -2.16 -8.74
CA HIS B 123 16.06 -2.27 -8.18
C HIS B 123 15.70 -3.71 -7.74
N PRO B 124 14.93 -3.84 -6.65
CA PRO B 124 14.53 -5.11 -6.06
C PRO B 124 13.24 -5.73 -6.62
N ASP B 125 12.51 -5.00 -7.47
CA ASP B 125 11.14 -5.39 -7.87
C ASP B 125 11.01 -6.61 -8.79
N ASN B 126 11.97 -6.88 -9.67
CA ASN B 126 11.99 -8.19 -10.33
C ASN B 126 12.67 -9.28 -9.52
N VAL B 127 13.81 -8.97 -8.90
CA VAL B 127 14.68 -10.01 -8.32
C VAL B 127 14.18 -10.60 -7.04
N ALA B 128 13.52 -9.81 -6.21
CA ALA B 128 12.96 -10.33 -4.98
C ALA B 128 11.93 -11.43 -5.23
N PRO B 129 10.95 -11.22 -6.14
CA PRO B 129 10.03 -12.33 -6.40
C PRO B 129 10.73 -13.49 -7.11
N ALA B 130 11.75 -13.20 -7.92
CA ALA B 130 12.46 -14.27 -8.64
C ALA B 130 13.16 -15.18 -7.66
N VAL B 131 13.60 -14.61 -6.55
CA VAL B 131 14.23 -15.40 -5.51
C VAL B 131 13.19 -16.03 -4.59
N LEU B 132 12.19 -15.24 -4.21
CA LEU B 132 11.33 -15.57 -3.09
C LEU B 132 10.06 -16.30 -3.57
N GLY B 133 9.72 -16.11 -4.84
CA GLY B 133 8.45 -16.60 -5.41
C GLY B 133 7.26 -15.72 -5.05
N ASN B 134 6.15 -15.98 -5.73
CA ASN B 134 4.87 -15.33 -5.50
C ASN B 134 4.94 -13.79 -5.62
N TRP B 135 4.35 -13.06 -4.68
CA TRP B 135 4.19 -11.60 -4.82
C TRP B 135 5.06 -10.91 -3.75
N VAL B 136 5.82 -9.90 -4.16
CA VAL B 136 6.70 -9.20 -3.20
C VAL B 136 6.45 -7.71 -3.30
N VAL B 137 6.18 -7.08 -2.17
CA VAL B 137 6.04 -5.63 -2.09
C VAL B 137 7.35 -5.06 -1.50
N GLY B 138 8.05 -4.24 -2.28
CA GLY B 138 9.37 -3.75 -1.86
C GLY B 138 9.57 -2.25 -1.83
N ALA B 139 10.69 -1.87 -1.23
CA ALA B 139 11.15 -0.48 -1.13
C ALA B 139 12.67 -0.48 -0.94
N LYS B 140 13.34 0.52 -1.52
CA LYS B 140 14.77 0.74 -1.24
C LYS B 140 14.91 2.09 -0.55
N LEU B 141 15.35 2.05 0.69
CA LEU B 141 15.47 3.28 1.46
C LEU B 141 16.92 3.41 1.93
N ASP B 142 17.55 4.50 1.47
CA ASP B 142 18.97 4.83 1.71
C ASP B 142 19.73 3.69 2.37
N GLY B 143 20.29 2.82 1.52
CA GLY B 143 21.05 1.68 2.03
C GLY B 143 20.34 0.36 1.83
N GLU B 144 19.25 0.14 2.56
CA GLU B 144 18.62 -1.19 2.60
C GLU B 144 17.32 -1.37 1.82
N ASP B 145 17.06 -2.62 1.47
CA ASP B 145 15.77 -3.09 0.99
C ASP B 145 14.88 -3.44 2.17
N PHE B 146 13.61 -3.13 2.02
CA PHE B 146 12.57 -3.65 2.87
C PHE B 146 11.55 -4.23 1.90
N TYR B 147 11.11 -5.44 2.17
CA TYR B 147 10.13 -6.10 1.32
C TYR B 147 9.29 -6.99 2.21
N VAL B 148 8.09 -7.28 1.72
CA VAL B 148 7.20 -8.22 2.32
C VAL B 148 6.68 -9.12 1.22
N ARG B 149 6.66 -10.41 1.50
CA ARG B 149 6.15 -11.41 0.55
C ARG B 149 4.71 -11.70 0.94
N HIS B 150 3.86 -11.94 -0.04
CA HIS B 150 2.48 -12.31 0.19
C HIS B 150 2.11 -13.33 -0.85
N LEU B 151 1.00 -14.03 -0.63
CA LEU B 151 0.41 -14.97 -1.55
C LEU B 151 -0.64 -14.26 -2.42
N PHE B 152 -0.33 -14.10 -3.71
CA PHE B 152 -1.23 -13.47 -4.63
C PHE B 152 -2.50 -14.33 -4.73
N PRO B 153 -3.68 -13.68 -4.76
CA PRO B 153 -4.94 -14.37 -4.97
C PRO B 153 -4.89 -15.26 -6.22
N ASP B 154 -5.50 -16.41 -6.10
CA ASP B 154 -5.75 -17.28 -7.23
C ASP B 154 -6.44 -16.52 -8.36
N CYS B 155 -5.83 -16.60 -9.54
CA CYS B 155 -6.37 -16.02 -10.77
C CYS B 155 -5.56 -16.61 -11.94
N ALA B 156 -5.98 -16.29 -13.15
CA ALA B 156 -5.27 -16.74 -14.34
C ALA B 156 -4.58 -15.52 -14.91
N LEU B 157 -3.45 -15.75 -15.59
CA LEU B 157 -2.76 -14.69 -16.32
C LEU B 157 -2.66 -15.02 -17.80
N ILE B 158 -2.80 -14.00 -18.63
CA ILE B 158 -2.64 -14.16 -20.05
C ILE B 158 -1.62 -13.12 -20.49
N ALA B 159 -0.49 -13.61 -21.00
CA ALA B 159 0.61 -12.75 -21.42
C ALA B 159 0.51 -12.52 -22.92
N PHE B 160 0.25 -11.28 -23.29
CA PHE B 160 0.27 -10.87 -24.67
C PHE B 160 1.68 -10.37 -24.95
N ILE B 161 2.47 -11.21 -25.61
CA ILE B 161 3.90 -10.97 -25.81
C ILE B 161 4.22 -10.64 -27.28
N PRO B 162 4.40 -9.35 -27.61
CA PRO B 162 4.72 -8.98 -28.99
C PRO B 162 6.23 -9.07 -29.18
N LYS B 163 6.72 -8.53 -30.28
CA LYS B 163 8.16 -8.52 -30.58
C LYS B 163 8.91 -7.48 -29.77
N ALA B 164 10.23 -7.65 -29.64
CA ALA B 164 11.07 -6.70 -28.94
C ALA B 164 10.90 -5.29 -29.48
N GLU B 165 11.05 -4.29 -28.60
CA GLU B 165 11.01 -2.88 -28.98
C GLU B 165 12.10 -2.55 -29.99
N LEU B 166 11.77 -1.70 -30.95
CA LEU B 166 12.73 -1.32 -31.99
C LEU B 166 13.70 -0.21 -31.54
N LEU B 167 13.30 0.58 -30.56
CA LEU B 167 14.18 1.58 -29.95
C LEU B 167 14.63 1.17 -28.54
N PRO B 176 10.52 11.80 -16.24
CA PRO B 176 10.42 13.18 -15.76
C PRO B 176 11.36 13.44 -14.58
N ASP B 177 11.73 14.70 -14.37
CA ASP B 177 12.62 15.04 -13.27
C ASP B 177 11.81 15.11 -12.00
N THR B 178 10.78 15.94 -12.02
CA THR B 178 9.92 16.14 -10.85
C THR B 178 8.46 15.87 -11.23
N LEU B 179 7.60 16.00 -10.23
CA LEU B 179 6.18 15.70 -10.34
C LEU B 179 5.51 16.68 -9.37
N PRO B 180 4.36 17.27 -9.75
CA PRO B 180 3.63 18.11 -8.80
C PRO B 180 3.23 17.31 -7.58
N PHE B 181 3.29 17.94 -6.40
CA PHE B 181 3.00 17.26 -5.15
C PHE B 181 1.71 16.45 -5.18
N LYS B 182 0.65 17.06 -5.73
CA LYS B 182 -0.72 16.53 -5.72
C LYS B 182 -0.85 15.26 -6.55
N GLU B 183 -0.03 15.17 -7.60
CA GLU B 183 -0.10 14.08 -8.55
C GLU B 183 0.71 12.90 -7.99
N ALA B 184 1.84 13.22 -7.35
CA ALA B 184 2.65 12.26 -6.64
C ALA B 184 1.83 11.51 -5.58
N VAL B 185 1.12 12.27 -4.74
CA VAL B 185 0.28 11.78 -3.67
C VAL B 185 -0.78 10.85 -4.20
N GLN B 186 -1.38 11.23 -5.32
CA GLN B 186 -2.47 10.48 -5.88
C GLN B 186 -1.98 9.14 -6.41
N ALA B 187 -0.78 9.19 -7.02
CA ALA B 187 -0.13 8.01 -7.58
C ALA B 187 0.18 7.00 -6.47
N SER B 188 0.73 7.48 -5.36
CA SER B 188 1.03 6.63 -4.20
C SER B 188 -0.25 6.01 -3.63
N SER B 189 -1.30 6.80 -3.49
CA SER B 189 -2.52 6.29 -2.87
C SER B 189 -3.27 5.28 -3.74
N ILE B 190 -3.13 5.38 -5.05
CA ILE B 190 -3.65 4.35 -5.96
C ILE B 190 -2.93 3.03 -5.79
N ALA B 191 -1.59 3.07 -5.72
CA ALA B 191 -0.78 1.89 -5.40
C ALA B 191 -1.21 1.32 -4.05
N ASN B 192 -1.40 2.21 -3.07
CA ASN B 192 -1.82 1.84 -1.71
C ASN B 192 -3.11 1.04 -1.75
N VAL B 193 -4.12 1.59 -2.44
CA VAL B 193 -5.43 0.95 -2.53
C VAL B 193 -5.32 -0.37 -3.32
N MET B 194 -4.55 -0.38 -4.43
CA MET B 194 -4.31 -1.62 -5.19
C MET B 194 -3.80 -2.71 -4.24
N ILE B 195 -2.80 -2.37 -3.43
CA ILE B 195 -2.22 -3.35 -2.55
C ILE B 195 -3.22 -3.81 -1.51
N ALA B 196 -3.96 -2.88 -0.91
CA ALA B 196 -4.93 -3.25 0.11
C ALA B 196 -6.00 -4.15 -0.48
N ALA B 197 -6.31 -3.90 -1.75
CA ALA B 197 -7.39 -4.60 -2.44
C ALA B 197 -6.97 -6.02 -2.73
N ILE B 198 -5.74 -6.19 -3.24
CA ILE B 198 -5.21 -7.53 -3.53
C ILE B 198 -5.23 -8.35 -2.24
N LEU B 199 -4.83 -7.72 -1.13
CA LEU B 199 -4.77 -8.40 0.16
C LEU B 199 -6.13 -8.74 0.76
N ARG B 200 -7.19 -8.10 0.26
CA ARG B 200 -8.56 -8.54 0.58
C ARG B 200 -9.12 -9.54 -0.45
N ASN B 201 -8.29 -10.05 -1.38
CA ASN B 201 -8.80 -10.93 -2.44
C ASN B 201 -9.87 -10.20 -3.26
N ASP B 202 -9.70 -8.88 -3.36
CA ASP B 202 -10.62 -8.07 -4.14
C ASP B 202 -9.96 -7.72 -5.45
N MET B 203 -9.97 -8.69 -6.36
CA MET B 203 -9.28 -8.51 -7.62
C MET B 203 -9.98 -7.52 -8.55
N THR B 204 -11.29 -7.31 -8.38
CA THR B 204 -11.99 -6.27 -9.19
C THR B 204 -11.45 -4.88 -8.92
N LEU B 205 -11.47 -4.50 -7.65
CA LEU B 205 -10.93 -3.20 -7.25
C LEU B 205 -9.44 -3.10 -7.54
N ALA B 206 -8.69 -4.18 -7.28
CA ALA B 206 -7.24 -4.10 -7.52
C ALA B 206 -6.94 -3.84 -8.99
N GLY B 207 -7.66 -4.58 -9.85
CA GLY B 207 -7.49 -4.44 -11.29
C GLY B 207 -7.80 -3.02 -11.76
N GLU B 208 -8.86 -2.46 -11.22
CA GLU B 208 -9.26 -1.09 -11.53
C GLU B 208 -8.20 -0.07 -11.07
N MET B 209 -7.50 -0.35 -9.97
CA MET B 209 -6.37 0.50 -9.54
C MET B 209 -5.15 0.29 -10.41
N MET B 210 -4.88 -0.97 -10.75
CA MET B 210 -3.77 -1.37 -11.60
C MET B 210 -3.75 -0.63 -12.93
N GLU B 211 -4.93 -0.36 -13.51
CA GLU B 211 -5.05 0.32 -14.81
C GLU B 211 -4.96 1.85 -14.72
N ARG B 212 -4.88 2.37 -13.50
CA ARG B 212 -4.72 3.81 -13.28
C ARG B 212 -3.28 4.19 -12.92
N ASP B 213 -2.33 3.80 -13.77
CA ASP B 213 -0.88 4.03 -13.52
C ASP B 213 -0.46 5.51 -13.77
N LEU B 214 -0.45 6.30 -12.69
CA LEU B 214 -0.19 7.73 -12.79
C LEU B 214 1.30 8.15 -12.86
N TRP B 215 2.21 7.19 -12.73
CA TRP B 215 3.65 7.50 -12.78
C TRP B 215 4.14 7.86 -14.18
N PRO B 225 0.98 0.93 -26.36
CA PRO B 225 0.66 0.52 -27.73
C PRO B 225 -0.08 -0.81 -27.73
N HIS B 226 -1.27 -0.83 -28.34
CA HIS B 226 -2.16 -1.99 -28.27
C HIS B 226 -2.82 -2.19 -26.90
N LEU B 227 -2.29 -1.52 -25.89
CA LEU B 227 -2.82 -1.59 -24.54
C LEU B 227 -4.33 -1.33 -24.50
N ALA B 228 -4.76 -0.17 -25.00
CA ALA B 228 -6.18 0.19 -25.03
C ALA B 228 -7.05 -0.89 -25.72
N GLN B 229 -6.50 -1.47 -26.77
CA GLN B 229 -7.19 -2.52 -27.50
C GLN B 229 -7.39 -3.78 -26.64
N ILE B 230 -6.29 -4.26 -26.06
CA ILE B 230 -6.29 -5.49 -25.26
C ILE B 230 -7.15 -5.30 -24.03
N ARG B 231 -7.15 -4.09 -23.49
CA ARG B 231 -7.97 -3.77 -22.35
C ARG B 231 -9.46 -3.84 -22.69
N ASP B 232 -9.85 -3.14 -23.76
CA ASP B 232 -11.23 -3.12 -24.22
C ASP B 232 -11.75 -4.55 -24.39
N VAL B 233 -10.95 -5.39 -25.04
CA VAL B 233 -11.30 -6.80 -25.27
C VAL B 233 -11.38 -7.63 -23.99
N ALA B 234 -10.32 -7.60 -23.19
CA ALA B 234 -10.29 -8.38 -21.96
C ALA B 234 -11.31 -7.90 -20.91
N LYS B 235 -11.41 -6.59 -20.70
CA LYS B 235 -12.29 -6.04 -19.67
C LYS B 235 -13.73 -6.28 -19.99
N ASN B 236 -14.08 -6.19 -21.28
CA ASN B 236 -15.46 -6.40 -21.69
C ASN B 236 -16.01 -7.83 -21.50
N GLN B 237 -15.10 -8.81 -21.41
CA GLN B 237 -15.48 -10.20 -21.00
C GLN B 237 -15.32 -10.50 -19.49
N GLY B 238 -14.77 -9.57 -18.71
CA GLY B 238 -14.72 -9.77 -17.27
C GLY B 238 -13.34 -10.02 -16.68
N ALA B 239 -12.29 -9.78 -17.48
CA ALA B 239 -10.92 -9.69 -16.95
C ALA B 239 -10.86 -8.64 -15.84
N TYR B 240 -10.03 -8.87 -14.84
CA TYR B 240 -9.82 -7.87 -13.77
C TYR B 240 -9.07 -6.65 -14.27
N ALA B 241 -8.10 -6.88 -15.14
CA ALA B 241 -7.21 -5.82 -15.59
C ALA B 241 -6.26 -6.25 -16.69
N ALA B 242 -5.69 -5.26 -17.36
CA ALA B 242 -4.61 -5.44 -18.34
C ALA B 242 -3.61 -4.29 -18.17
N CYS B 243 -2.36 -4.62 -17.87
CA CYS B 243 -1.36 -3.59 -17.64
C CYS B 243 -0.07 -4.01 -18.29
N LEU B 244 0.80 -3.04 -18.52
CA LEU B 244 2.14 -3.32 -18.99
C LEU B 244 2.91 -4.13 -17.95
N SER B 245 3.62 -5.15 -18.41
CA SER B 245 4.54 -5.88 -17.56
C SER B 245 5.87 -5.15 -17.61
N GLY B 246 6.38 -4.80 -16.43
CA GLY B 246 7.57 -3.96 -16.32
C GLY B 246 7.45 -2.75 -17.21
N ALA B 247 8.50 -2.50 -17.99
CA ALA B 247 8.52 -1.35 -18.87
C ALA B 247 8.00 -1.69 -20.26
N GLY B 248 7.63 -2.96 -20.47
CA GLY B 248 6.94 -3.37 -21.71
C GLY B 248 7.85 -4.10 -22.68
N PRO B 249 7.34 -4.42 -23.89
CA PRO B 249 6.00 -4.17 -24.40
C PRO B 249 4.95 -5.26 -24.10
N THR B 250 5.29 -6.28 -23.30
CA THR B 250 4.27 -7.28 -23.05
C THR B 250 3.19 -6.69 -22.16
N VAL B 251 1.97 -7.16 -22.43
CA VAL B 251 0.81 -6.75 -21.69
C VAL B 251 0.37 -8.02 -20.94
N LEU B 252 0.06 -7.85 -19.65
CA LEU B 252 -0.45 -8.93 -18.82
C LEU B 252 -1.90 -8.71 -18.47
N VAL B 253 -2.72 -9.70 -18.76
CA VAL B 253 -4.12 -9.67 -18.41
C VAL B 253 -4.32 -10.54 -17.18
N PHE B 254 -5.00 -10.00 -16.17
CA PHE B 254 -5.38 -10.77 -14.97
C PHE B 254 -6.87 -11.10 -15.06
N ALA B 255 -7.24 -12.35 -14.83
CA ALA B 255 -8.62 -12.76 -15.10
C ALA B 255 -9.08 -13.87 -14.20
N PRO B 256 -10.42 -14.03 -14.06
CA PRO B 256 -10.92 -15.28 -13.47
C PRO B 256 -10.43 -16.48 -14.30
N ARG B 257 -10.24 -17.60 -13.63
CA ARG B 257 -9.73 -18.78 -14.28
C ARG B 257 -10.57 -19.26 -15.44
N ASN B 258 -11.88 -19.26 -15.29
CA ASN B 258 -12.75 -19.79 -16.33
C ASN B 258 -12.64 -18.98 -17.63
N LEU B 259 -12.00 -17.81 -17.59
CA LEU B 259 -11.90 -16.94 -18.77
C LEU B 259 -10.56 -17.10 -19.47
N ALA B 260 -9.62 -17.80 -18.83
CA ALA B 260 -8.28 -17.96 -19.36
C ALA B 260 -8.24 -18.43 -20.84
N ASN B 261 -8.86 -19.58 -21.13
CA ASN B 261 -8.88 -20.12 -22.49
C ASN B 261 -9.54 -19.14 -23.46
N LYS B 262 -10.67 -18.58 -23.06
CA LYS B 262 -11.43 -17.77 -23.98
C LYS B 262 -10.75 -16.40 -24.24
N LEU B 263 -10.05 -15.86 -23.23
CA LEU B 263 -9.33 -14.59 -23.41
C LEU B 263 -8.14 -14.81 -24.31
N GLN B 264 -7.49 -15.95 -24.13
CA GLN B 264 -6.38 -16.30 -25.02
C GLN B 264 -6.85 -16.30 -26.49
N THR B 265 -7.90 -17.07 -26.75
CA THR B 265 -8.49 -17.17 -28.07
C THR B 265 -8.91 -15.78 -28.59
N SER B 266 -9.62 -15.02 -27.78
CA SER B 266 -10.03 -13.67 -28.15
C SER B 266 -8.85 -12.74 -28.47
N LEU B 267 -7.76 -12.85 -27.71
CA LEU B 267 -6.61 -11.97 -27.97
C LEU B 267 -5.86 -12.39 -29.23
N GLN B 268 -5.84 -13.69 -29.50
CA GLN B 268 -5.20 -14.20 -30.69
C GLN B 268 -5.85 -13.68 -31.96
N THR B 269 -7.16 -13.43 -31.94
CA THR B 269 -7.85 -12.87 -33.11
C THR B 269 -7.38 -11.48 -33.52
N LEU B 270 -6.69 -10.77 -32.62
CA LEU B 270 -6.35 -9.37 -32.92
C LEU B 270 -5.42 -9.19 -34.14
N GLU B 271 -4.85 -10.30 -34.62
CA GLU B 271 -3.97 -10.33 -35.81
C GLU B 271 -2.70 -9.48 -35.65
N ILE B 272 -2.42 -9.08 -34.40
CA ILE B 272 -1.13 -8.51 -34.06
C ILE B 272 -0.13 -9.66 -34.06
N ASP B 273 1.15 -9.33 -34.27
CA ASP B 273 2.20 -10.35 -34.38
C ASP B 273 2.75 -10.69 -32.98
N ALA B 274 2.09 -11.64 -32.32
CA ALA B 274 2.39 -11.89 -30.89
C ALA B 274 2.17 -13.32 -30.41
N ASP B 275 2.85 -13.66 -29.33
CA ASP B 275 2.60 -14.91 -28.62
C ASP B 275 1.64 -14.66 -27.47
N VAL B 276 0.54 -15.40 -27.45
CA VAL B 276 -0.45 -15.27 -26.38
C VAL B 276 -0.38 -16.49 -25.43
N LEU B 277 0.19 -16.28 -24.25
CA LEU B 277 0.44 -17.41 -23.32
C LEU B 277 -0.45 -17.45 -22.11
N LEU B 278 -0.76 -18.67 -21.69
CA LEU B 278 -1.41 -18.89 -20.39
C LEU B 278 -0.39 -19.08 -19.30
N LEU B 279 -0.45 -18.19 -18.30
CA LEU B 279 0.49 -18.21 -17.17
C LEU B 279 -0.21 -18.22 -15.81
N ASP B 280 0.50 -18.80 -14.86
CA ASP B 280 0.12 -18.71 -13.46
C ASP B 280 1.21 -17.94 -12.68
N VAL B 281 0.84 -17.50 -11.48
CA VAL B 281 1.78 -17.01 -10.48
C VAL B 281 2.66 -18.19 -10.05
N GLU B 282 3.98 -17.98 -10.08
CA GLU B 282 4.89 -19.01 -9.60
C GLU B 282 5.07 -18.77 -8.10
N GLY B 283 4.62 -19.75 -7.33
CA GLY B 283 4.62 -19.70 -5.87
C GLY B 283 5.99 -19.86 -5.26
N SER B 284 6.90 -20.52 -5.97
CA SER B 284 8.24 -20.81 -5.51
C SER B 284 9.25 -19.98 -6.29
N GLY B 285 10.31 -19.56 -5.62
CA GLY B 285 11.34 -18.80 -6.29
C GLY B 285 12.39 -19.73 -6.89
N ALA B 286 13.55 -19.17 -7.20
CA ALA B 286 14.66 -19.93 -7.77
C ALA B 286 14.87 -21.23 -7.01
N GLU B 287 15.03 -22.32 -7.76
CA GLU B 287 15.32 -23.64 -7.20
C GLU B 287 16.57 -24.28 -7.81
N VAL B 288 17.27 -25.03 -6.96
CA VAL B 288 18.42 -25.82 -7.37
C VAL B 288 18.07 -27.29 -7.10
N PHE B 289 18.11 -28.12 -8.13
CA PHE B 289 17.67 -29.53 -8.00
C PHE B 289 18.32 -30.49 -9.03
N ARG B 290 18.33 -31.78 -8.69
CA ARG B 290 18.79 -32.81 -9.61
C ARG B 290 17.71 -33.48 -10.48
N GLU B 291 18.01 -33.56 -11.78
CA GLU B 291 17.21 -34.32 -12.74
C GLU B 291 18.15 -35.09 -13.69
S SO4 C . -8.12 17.89 13.51
O1 SO4 C . -7.72 16.64 12.83
O2 SO4 C . -6.87 18.58 13.83
O3 SO4 C . -8.94 18.75 12.65
O4 SO4 C . -8.88 17.60 14.70
S SO4 D . 7.75 -16.04 4.24
O1 SO4 D . 7.55 -17.36 3.64
O2 SO4 D . 9.16 -15.67 4.32
O3 SO4 D . 7.08 -15.01 3.46
O4 SO4 D . 7.19 -16.09 5.59
S SO4 E . 13.32 -7.74 -19.28
O1 SO4 E . 13.06 -9.07 -19.86
O2 SO4 E . 14.74 -7.63 -18.96
O3 SO4 E . 12.96 -6.72 -20.26
O4 SO4 E . 12.44 -7.53 -18.13
#